data_3LNN
#
_entry.id   3LNN
#
_cell.length_a   137.111
_cell.length_b   137.111
_cell.length_c   202.898
_cell.angle_alpha   90.00
_cell.angle_beta   90.00
_cell.angle_gamma   90.00
#
_symmetry.space_group_name_H-M   'I 41 2 2'
#
loop_
_entity.id
_entity.type
_entity.pdbx_description
1 polymer 'Membrane fusion protein (MFP) heavy metal cation efflux ZneB (CzcB-like)'
2 non-polymer 'ZINC ION'
3 water water
#
_entity_poly.entity_id   1
_entity_poly.type   'polypeptide(L)'
_entity_poly.pdbx_seq_one_letter_code
;MQKRADPPVALRHEGERLVVPAESPLRRTLAVAPATRETVAAPFNLPAMIEADPAKLVKVLPPLAGRIVSLNKQLGDEVK
AGDVLFTIDSADLAQANSDAAKARAAMTMARRNLDRQRELDKSEIAAKRDFEQAQSDYDQAASESQRADARLAQLGAKGG
GTLQAGGGHILAVRSPINGRVVDLNAATGAYWNDTTASLMTVADLSHVFVTANAQEKDLGHVYVGQSATVKFDAYDDPQP
GKVRYVGQILDADTRTTKVRMVFDNPDGRLRPGMFAQATFLSQPHEGIVVPMSAIVQSGFYTRAFVEVAPWQFEPRVIKL
GAQIGDRMEVKSGLSAGDRVVVKEGVLLNDPDLLEVLFQ
;
_entity_poly.pdbx_strand_id   A,B
#
loop_
_chem_comp.id
_chem_comp.type
_chem_comp.name
_chem_comp.formula
ZN non-polymer 'ZINC ION' 'Zn 2'
#
# COMPACT_ATOMS: atom_id res chain seq x y z
N ALA A 10 -11.53 -9.12 -66.97
CA ALA A 10 -10.64 -9.77 -66.02
C ALA A 10 -9.64 -8.79 -65.46
N LEU A 11 -9.95 -8.14 -64.33
CA LEU A 11 -11.24 -8.21 -63.62
C LEU A 11 -11.33 -7.05 -62.65
N ARG A 12 -10.16 -6.57 -62.21
CA ARG A 12 -10.06 -5.24 -61.61
C ARG A 12 -8.72 -4.72 -62.00
N HIS A 13 -8.70 -3.58 -62.65
CA HIS A 13 -7.49 -2.90 -62.99
C HIS A 13 -7.22 -1.86 -61.85
N GLU A 14 -5.99 -1.38 -61.72
CA GLU A 14 -5.69 -0.45 -60.65
C GLU A 14 -5.20 0.90 -61.17
N GLY A 15 -5.67 1.97 -60.54
CA GLY A 15 -4.94 3.22 -60.57
C GLY A 15 -4.49 3.53 -59.15
N GLU A 16 -5.05 2.75 -58.22
CA GLU A 16 -5.19 3.11 -56.82
C GLU A 16 -6.70 2.96 -56.57
N ARG A 17 -7.45 3.74 -57.34
CA ARG A 17 -8.87 3.58 -57.55
C ARG A 17 -9.09 2.39 -58.48
N LEU A 18 -10.21 1.69 -58.28
CA LEU A 18 -10.43 0.40 -58.94
C LEU A 18 -11.43 0.43 -60.10
N VAL A 19 -10.90 0.24 -61.32
CA VAL A 19 -11.71 0.19 -62.54
C VAL A 19 -12.05 -1.25 -62.99
N VAL A 20 -13.33 -1.47 -63.27
CA VAL A 20 -13.83 -2.76 -63.74
C VAL A 20 -14.16 -2.70 -65.22
N PRO A 21 -13.56 -3.58 -66.03
CA PRO A 21 -13.95 -3.67 -67.44
C PRO A 21 -15.35 -4.29 -67.47
N ALA A 22 -16.24 -4.01 -68.43
CA ALA A 22 -15.97 -3.61 -69.80
C ALA A 22 -15.54 -4.91 -70.38
N GLU A 23 -15.86 -5.98 -69.64
CA GLU A 23 -15.28 -7.31 -69.86
C GLU A 23 -15.51 -8.29 -68.69
N SER A 24 -15.36 -7.81 -67.46
CA SER A 24 -15.21 -8.64 -66.27
C SER A 24 -16.51 -9.24 -65.69
N PRO A 25 -16.38 -10.30 -64.86
CA PRO A 25 -17.54 -11.04 -64.31
C PRO A 25 -18.27 -10.31 -63.19
N LEU A 26 -17.55 -9.64 -62.29
CA LEU A 26 -18.22 -8.93 -61.21
C LEU A 26 -19.02 -7.74 -61.77
N ARG A 27 -18.96 -7.60 -63.09
CA ARG A 27 -19.75 -6.62 -63.84
C ARG A 27 -21.21 -7.04 -63.74
N ARG A 28 -21.44 -8.28 -63.32
CA ARG A 28 -22.79 -8.80 -63.09
C ARG A 28 -23.17 -8.68 -61.62
N THR A 29 -22.22 -9.00 -60.75
CA THR A 29 -22.48 -9.23 -59.34
C THR A 29 -22.31 -8.00 -58.43
N LEU A 30 -21.61 -6.99 -58.91
CA LEU A 30 -21.54 -5.73 -58.18
C LEU A 30 -22.90 -5.06 -58.15
N ALA A 31 -23.14 -4.30 -57.08
CA ALA A 31 -24.41 -3.63 -56.87
C ALA A 31 -24.15 -2.32 -56.12
N VAL A 32 -25.02 -1.33 -56.27
CA VAL A 32 -24.82 -0.03 -55.62
C VAL A 32 -26.12 0.69 -55.26
N ALA A 33 -26.04 1.56 -54.26
CA ALA A 33 -27.15 2.44 -53.93
C ALA A 33 -26.62 3.72 -53.32
N PRO A 34 -27.36 4.83 -53.51
CA PRO A 34 -26.91 6.07 -52.88
C PRO A 34 -26.87 5.91 -51.36
N ALA A 35 -26.10 6.74 -50.67
CA ALA A 35 -26.03 6.70 -49.22
C ALA A 35 -27.14 7.57 -48.66
N THR A 36 -28.02 6.98 -47.84
CA THR A 36 -29.23 7.63 -47.34
C THR A 36 -29.03 8.17 -45.93
N ARG A 37 -29.30 9.46 -45.73
CA ARG A 37 -29.44 10.01 -44.37
C ARG A 37 -30.81 9.63 -43.72
N GLU A 38 -30.77 9.21 -42.46
CA GLU A 38 -31.96 8.76 -41.73
C GLU A 38 -31.81 9.13 -40.27
N THR A 39 -32.88 8.98 -39.50
CA THR A 39 -32.84 9.30 -38.08
C THR A 39 -32.36 8.08 -37.28
N VAL A 40 -31.45 8.30 -36.34
CA VAL A 40 -30.95 7.23 -35.46
C VAL A 40 -31.17 7.56 -33.98
N ALA A 41 -31.45 6.53 -33.20
CA ALA A 41 -31.77 6.68 -31.79
C ALA A 41 -31.34 5.40 -31.12
N ALA A 42 -30.12 5.01 -31.41
CA ALA A 42 -29.53 3.76 -30.92
C ALA A 42 -29.70 3.57 -29.43
N PRO A 43 -30.23 2.41 -29.05
CA PRO A 43 -30.05 1.96 -27.67
C PRO A 43 -28.69 1.31 -27.62
N PHE A 44 -27.91 1.58 -26.58
CA PHE A 44 -26.57 1.02 -26.50
C PHE A 44 -26.26 0.57 -25.10
N ASN A 45 -25.23 -0.26 -24.97
CA ASN A 45 -24.94 -0.97 -23.74
C ASN A 45 -23.48 -0.92 -23.39
N LEU A 46 -23.18 -0.59 -22.13
CA LEU A 46 -21.81 -0.43 -21.66
C LEU A 46 -21.53 -1.29 -20.44
N PRO A 47 -20.43 -2.02 -20.48
CA PRO A 47 -19.91 -2.66 -19.27
C PRO A 47 -19.49 -1.62 -18.24
N ALA A 48 -19.71 -1.93 -16.97
CA ALA A 48 -19.41 -0.97 -15.92
C ALA A 48 -18.97 -1.69 -14.67
N MET A 49 -18.35 -0.94 -13.77
CA MET A 49 -17.88 -1.49 -12.51
C MET A 49 -18.13 -0.46 -11.43
N ILE A 50 -18.27 -0.91 -10.19
CA ILE A 50 -18.44 0.06 -9.11
C ILE A 50 -17.09 0.54 -8.62
N GLU A 51 -17.03 1.80 -8.23
CA GLU A 51 -15.80 2.49 -7.95
C GLU A 51 -16.04 3.36 -6.73
N ALA A 52 -15.13 3.39 -5.76
CA ALA A 52 -15.27 4.37 -4.69
C ALA A 52 -15.08 5.76 -5.31
N ASP A 53 -15.64 6.77 -4.65
CA ASP A 53 -15.37 8.16 -5.01
C ASP A 53 -13.96 8.40 -4.58
N PRO A 54 -13.05 8.62 -5.55
CA PRO A 54 -11.58 8.61 -5.47
C PRO A 54 -11.02 9.21 -4.18
N ALA A 55 -11.80 10.10 -3.57
CA ALA A 55 -11.50 10.54 -2.22
C ALA A 55 -12.49 11.56 -1.73
N LYS A 56 -13.28 11.30 -0.69
CA LYS A 56 -13.86 10.00 -0.20
C LYS A 56 -13.17 8.61 0.08
N LEU A 57 -12.04 8.30 -0.53
CA LEU A 57 -11.28 7.08 -0.14
C LEU A 57 -9.75 7.27 -0.08
N VAL A 58 -9.14 6.88 1.04
CA VAL A 58 -7.69 7.04 1.20
C VAL A 58 -7.03 5.74 1.67
N LYS A 59 -6.02 5.30 0.94
CA LYS A 59 -5.19 4.23 1.43
C LYS A 59 -4.06 4.84 2.26
N VAL A 60 -4.28 4.89 3.57
CA VAL A 60 -3.38 5.56 4.50
C VAL A 60 -2.00 4.93 4.53
N LEU A 61 -0.98 5.74 4.26
CA LEU A 61 0.39 5.29 4.32
C LEU A 61 1.12 5.92 5.49
N PRO A 62 2.15 5.24 5.98
CA PRO A 62 3.03 5.77 7.01
C PRO A 62 4.03 6.77 6.43
N PRO A 63 4.36 7.82 7.17
CA PRO A 63 5.37 8.81 6.73
C PRO A 63 6.83 8.27 6.81
N LEU A 64 7.07 7.32 7.70
CA LEU A 64 8.35 6.67 7.83
C LEU A 64 8.11 5.22 8.15
N ALA A 65 9.12 4.38 7.90
CA ALA A 65 9.07 2.99 8.34
C ALA A 65 9.31 2.86 9.83
N GLY A 66 9.05 1.69 10.38
CA GLY A 66 9.29 1.41 11.79
C GLY A 66 8.29 0.41 12.37
N ARG A 67 8.53 -0.05 13.59
CA ARG A 67 7.59 -0.93 14.25
C ARG A 67 6.23 -0.26 14.48
N ILE A 68 5.17 -0.98 14.12
CA ILE A 68 3.82 -0.59 14.46
C ILE A 68 3.63 -0.79 15.94
N VAL A 69 3.32 0.29 16.65
CA VAL A 69 3.11 0.25 18.10
C VAL A 69 1.67 -0.13 18.43
N SER A 70 0.74 0.28 17.57
CA SER A 70 -0.67 0.12 17.87
C SER A 70 -1.60 0.30 16.68
N LEU A 71 -2.72 -0.41 16.71
CA LEU A 71 -3.80 -0.20 15.76
C LEU A 71 -5.09 0.16 16.46
N ASN A 72 -5.29 1.46 16.65
CA ASN A 72 -6.60 2.01 17.00
C ASN A 72 -7.40 1.94 15.71
N LYS A 73 -8.71 1.90 15.80
CA LYS A 73 -9.55 1.62 14.61
C LYS A 73 -9.24 0.25 13.98
N GLN A 74 -10.25 -0.34 13.35
CA GLN A 74 -10.29 -1.78 13.06
C GLN A 74 -11.25 -2.08 11.93
N LEU A 75 -11.07 -3.20 11.24
CA LEU A 75 -11.93 -3.50 10.08
C LEU A 75 -13.39 -3.34 10.47
N GLY A 76 -14.07 -2.37 9.87
CA GLY A 76 -15.46 -2.12 10.17
C GLY A 76 -15.69 -0.94 11.09
N ASP A 77 -14.70 -0.57 11.89
CA ASP A 77 -14.86 0.50 12.88
C ASP A 77 -15.17 1.83 12.21
N GLU A 78 -15.96 2.65 12.88
CA GLU A 78 -16.26 3.96 12.36
C GLU A 78 -15.06 4.88 12.55
N VAL A 79 -14.86 5.84 11.65
CA VAL A 79 -13.87 6.88 11.90
C VAL A 79 -14.30 8.28 11.52
N LYS A 80 -13.79 9.25 12.28
CA LYS A 80 -13.98 10.66 11.99
C LYS A 80 -12.63 11.35 11.73
N ALA A 81 -12.65 12.42 10.94
CA ALA A 81 -11.47 13.21 10.69
C ALA A 81 -11.31 14.15 11.85
N GLY A 82 -10.17 14.08 12.53
CA GLY A 82 -9.16 13.12 12.21
C GLY A 82 -8.77 12.31 13.43
N ASP A 83 -9.39 11.14 13.56
CA ASP A 83 -8.95 10.12 14.51
C ASP A 83 -7.53 9.65 14.21
N VAL A 84 -6.88 9.07 15.21
CA VAL A 84 -5.60 8.43 15.01
C VAL A 84 -5.93 7.02 14.57
N LEU A 85 -5.20 6.50 13.58
CA LEU A 85 -5.49 5.16 13.06
C LEU A 85 -4.40 4.16 13.44
N PHE A 86 -3.16 4.62 13.41
CA PHE A 86 -2.04 3.77 13.81
C PHE A 86 -0.88 4.62 14.28
N THR A 87 0.09 3.96 14.90
CA THR A 87 1.24 4.66 15.46
C THR A 87 2.50 3.89 15.17
N ILE A 88 3.52 4.61 14.75
CA ILE A 88 4.76 3.99 14.33
C ILE A 88 5.91 4.37 15.22
N ASP A 89 6.73 3.39 15.56
CA ASP A 89 7.97 3.63 16.28
C ASP A 89 9.10 3.54 15.26
N SER A 90 9.54 4.69 14.78
CA SER A 90 10.60 4.73 13.79
C SER A 90 11.92 4.73 14.54
N ALA A 91 12.88 3.94 14.07
CA ALA A 91 14.17 3.87 14.73
C ALA A 91 15.25 3.11 13.95
N ASP A 92 15.92 3.75 12.99
CA ASP A 92 15.54 4.99 12.30
C ASP A 92 15.65 6.34 13.01
N LEU A 93 14.57 7.10 12.98
CA LEU A 93 14.54 8.47 13.49
C LEU A 93 15.18 8.51 14.87
N ALA A 94 15.11 7.39 15.57
CA ALA A 94 15.80 7.24 16.86
C ALA A 94 17.28 7.54 16.66
N GLN A 95 18.04 6.54 16.20
CA GLN A 95 19.43 6.71 15.77
C GLN A 95 19.71 8.14 15.37
N ALA A 96 19.33 8.48 14.15
CA ALA A 96 19.56 9.81 13.57
C ALA A 96 19.43 11.02 14.52
N ASN A 97 18.59 10.94 15.54
CA ASN A 97 18.47 12.04 16.50
C ASN A 97 19.66 12.10 17.44
N SER A 98 20.10 10.92 17.86
CA SER A 98 21.23 10.77 18.77
C SER A 98 22.54 10.89 18.02
N ASP A 99 22.66 10.20 16.89
CA ASP A 99 23.87 10.29 16.10
C ASP A 99 24.22 11.75 15.91
N ALA A 100 23.21 12.57 15.66
CA ALA A 100 23.47 13.96 15.36
C ALA A 100 23.76 14.69 16.66
N ALA A 101 23.49 14.04 17.77
CA ALA A 101 23.92 14.55 19.06
C ALA A 101 25.41 14.26 19.27
N LYS A 102 25.79 13.00 19.06
CA LYS A 102 27.19 12.60 18.93
C LYS A 102 27.94 13.51 17.94
N ALA A 103 27.59 13.37 16.66
CA ALA A 103 28.23 14.15 15.62
C ALA A 103 28.66 15.55 16.08
N ARG A 104 27.83 16.21 16.87
CA ARG A 104 28.00 17.62 17.17
C ARG A 104 28.90 17.83 18.36
N ALA A 105 28.71 16.97 19.35
CA ALA A 105 29.55 16.91 20.52
C ALA A 105 30.96 16.83 20.06
N ALA A 106 31.29 15.72 19.40
CA ALA A 106 32.64 15.48 18.87
C ALA A 106 33.23 16.71 18.21
N MET A 107 32.46 17.35 17.33
CA MET A 107 32.89 18.52 16.60
C MET A 107 33.30 19.65 17.56
N THR A 108 32.37 20.01 18.43
CA THR A 108 32.51 21.16 19.30
C THR A 108 33.73 20.99 20.18
N MET A 109 33.89 19.77 20.69
CA MET A 109 35.04 19.40 21.51
C MET A 109 36.31 19.40 20.67
N ALA A 110 36.31 18.61 19.60
CA ALA A 110 37.40 18.59 18.62
C ALA A 110 37.85 19.97 18.17
N ARG A 111 36.90 20.89 18.10
CA ARG A 111 37.11 22.31 17.76
C ARG A 111 38.00 22.99 18.79
N ARG A 112 37.55 23.01 20.05
CA ARG A 112 38.24 23.77 21.08
C ARG A 112 39.53 23.08 21.49
N ASN A 113 39.77 21.89 20.95
CA ASN A 113 41.05 21.25 21.09
C ASN A 113 41.97 21.88 20.07
N LEU A 114 41.39 22.21 18.91
CA LEU A 114 42.12 22.93 17.87
C LEU A 114 42.46 24.34 18.36
N ASP A 115 41.45 25.06 18.82
CA ASP A 115 41.62 26.42 19.30
C ASP A 115 42.71 26.50 20.38
N ARG A 116 42.76 25.51 21.26
CA ARG A 116 43.92 25.38 22.16
C ARG A 116 45.06 24.63 21.49
N GLN A 117 45.54 25.13 20.37
CA GLN A 117 46.78 24.65 19.80
C GLN A 117 47.27 25.70 18.84
N ARG A 118 46.37 26.64 18.54
CA ARG A 118 46.74 27.86 17.87
C ARG A 118 47.42 28.80 18.85
N GLU A 119 46.84 28.92 20.04
CA GLU A 119 47.28 29.89 21.04
C GLU A 119 48.62 29.55 21.66
N LEU A 120 49.08 28.31 21.53
CA LEU A 120 50.40 27.96 22.03
C LEU A 120 51.49 27.87 20.97
N ASP A 121 51.08 27.86 19.70
CA ASP A 121 52.04 28.16 18.63
C ASP A 121 52.43 29.60 18.91
N LYS A 122 51.41 30.44 18.92
CA LYS A 122 51.53 31.85 19.28
C LYS A 122 51.93 32.01 20.74
N SER A 123 51.31 32.99 21.40
CA SER A 123 51.60 33.34 22.80
C SER A 123 52.75 32.59 23.47
N GLU A 124 53.82 33.32 23.80
CA GLU A 124 54.96 32.77 24.54
C GLU A 124 55.93 31.96 23.69
N ILE A 125 55.56 30.71 23.43
CA ILE A 125 56.43 29.72 22.81
C ILE A 125 55.61 28.61 22.12
N ALA A 126 56.00 28.23 20.91
CA ALA A 126 55.32 27.17 20.18
C ALA A 126 55.72 25.79 20.70
N ALA A 127 54.85 24.80 20.51
CA ALA A 127 55.08 23.47 21.07
C ALA A 127 55.37 22.37 20.04
N LYS A 128 54.33 21.73 19.51
CA LYS A 128 54.47 20.55 18.64
C LYS A 128 53.48 20.54 17.44
N ARG A 129 53.82 19.76 16.41
CA ARG A 129 53.02 19.64 15.19
C ARG A 129 51.58 19.25 15.43
N ASP A 130 51.32 18.66 16.60
CA ASP A 130 50.02 18.08 16.94
C ASP A 130 48.84 18.87 16.40
N PHE A 131 49.04 20.17 16.20
CA PHE A 131 48.13 21.00 15.44
C PHE A 131 47.63 20.26 14.21
N GLU A 132 48.47 19.37 13.67
CA GLU A 132 48.12 18.68 12.42
C GLU A 132 46.99 17.69 12.64
N GLN A 133 47.05 16.94 13.73
CA GLN A 133 45.97 16.05 14.09
C GLN A 133 44.77 16.90 14.41
N ALA A 134 44.98 17.89 15.26
CA ALA A 134 43.94 18.82 15.66
C ALA A 134 43.05 19.25 14.49
N GLN A 135 43.67 19.59 13.36
CA GLN A 135 42.92 20.08 12.23
C GLN A 135 42.25 18.97 11.47
N SER A 136 42.98 17.89 11.23
CA SER A 136 42.42 16.81 10.45
C SER A 136 41.26 16.26 11.22
N ASP A 137 41.45 16.16 12.53
CA ASP A 137 40.46 15.60 13.45
C ASP A 137 39.18 16.43 13.46
N TYR A 138 39.36 17.73 13.44
CA TYR A 138 38.24 18.65 13.46
C TYR A 138 37.50 18.64 12.13
N ASP A 139 38.22 18.94 11.07
CA ASP A 139 37.65 18.91 9.74
C ASP A 139 36.74 17.69 9.54
N GLN A 140 37.21 16.55 10.01
CA GLN A 140 36.49 15.28 9.91
C GLN A 140 35.20 15.23 10.75
N ALA A 141 35.31 15.61 12.02
CA ALA A 141 34.17 15.52 12.92
C ALA A 141 33.07 16.45 12.43
N ALA A 142 33.48 17.57 11.85
CA ALA A 142 32.57 18.55 11.26
C ALA A 142 31.82 17.96 10.07
N SER A 143 32.56 17.35 9.15
CA SER A 143 31.96 16.73 7.98
C SER A 143 30.94 15.67 8.39
N GLU A 144 31.36 14.78 9.29
CA GLU A 144 30.48 13.72 9.80
C GLU A 144 29.22 14.24 10.46
N SER A 145 29.36 15.31 11.24
CA SER A 145 28.20 15.95 11.87
C SER A 145 27.31 16.52 10.77
N GLN A 146 27.85 17.43 9.98
CA GLN A 146 27.22 17.85 8.76
C GLN A 146 26.55 16.68 8.00
N ARG A 147 27.08 15.48 8.10
CA ARG A 147 26.35 14.35 7.53
C ARG A 147 25.13 13.97 8.36
N ALA A 148 25.34 13.61 9.62
CA ALA A 148 24.23 13.34 10.52
C ALA A 148 23.13 14.40 10.44
N ASP A 149 23.53 15.65 10.25
CA ASP A 149 22.63 16.79 10.23
C ASP A 149 21.59 16.72 9.15
N ALA A 150 21.95 16.04 8.07
CA ALA A 150 21.13 15.99 6.88
C ALA A 150 20.24 14.77 6.92
N ARG A 151 20.74 13.70 7.53
CA ARG A 151 19.96 12.49 7.70
C ARG A 151 18.77 12.81 8.59
N LEU A 152 19.00 13.60 9.63
CA LEU A 152 17.92 14.03 10.50
C LEU A 152 17.01 14.94 9.68
N ALA A 153 17.59 15.95 9.04
CA ALA A 153 16.83 16.85 8.20
C ALA A 153 15.86 16.11 7.26
N GLN A 154 16.37 15.13 6.55
CA GLN A 154 15.58 14.38 5.58
C GLN A 154 14.44 13.67 6.25
N LEU A 155 14.77 12.96 7.34
CA LEU A 155 13.80 12.14 8.05
C LEU A 155 12.66 12.93 8.70
N GLY A 156 13.02 13.92 9.50
CA GLY A 156 12.05 14.78 10.16
C GLY A 156 11.14 15.55 9.22
N ALA A 157 11.62 15.85 8.02
CA ALA A 157 10.79 16.49 7.02
C ALA A 157 9.65 15.56 6.57
N LYS A 158 9.90 14.25 6.67
CA LYS A 158 8.93 13.25 6.24
C LYS A 158 7.94 12.88 7.35
N GLY A 159 8.40 12.87 8.59
CA GLY A 159 7.56 12.47 9.69
C GLY A 159 7.31 13.57 10.72
N GLY A 160 7.52 14.81 10.32
CA GLY A 160 7.39 15.92 11.25
C GLY A 160 5.96 16.25 11.63
N GLY A 161 5.03 16.05 10.69
CA GLY A 161 3.65 16.47 10.90
C GLY A 161 2.80 15.51 11.71
N THR A 162 3.40 14.37 12.08
CA THR A 162 2.71 13.31 12.81
C THR A 162 3.45 12.87 14.06
N LEU A 163 4.29 13.74 14.59
CA LEU A 163 5.08 13.40 15.75
C LEU A 163 4.42 13.87 17.04
N GLN A 164 4.61 13.13 18.14
CA GLN A 164 4.26 13.69 19.44
C GLN A 164 5.45 14.05 20.35
N ALA A 165 5.20 14.89 21.35
CA ALA A 165 6.22 15.43 22.24
C ALA A 165 6.72 14.43 23.31
N GLY A 166 7.86 13.79 23.05
CA GLY A 166 8.38 12.71 23.88
C GLY A 166 8.26 11.35 23.21
N GLY A 167 7.76 10.35 23.94
CA GLY A 167 7.34 9.08 23.37
C GLY A 167 8.36 7.97 23.10
N GLY A 168 9.28 8.24 22.17
CA GLY A 168 10.26 7.28 21.70
C GLY A 168 10.61 7.70 20.29
N HIS A 169 10.09 8.87 19.95
CA HIS A 169 10.00 9.35 18.59
C HIS A 169 9.04 8.47 17.79
N ILE A 170 7.80 8.52 18.27
CA ILE A 170 6.68 7.72 17.78
C ILE A 170 5.69 8.59 16.99
N LEU A 171 5.42 8.18 15.75
CA LEU A 171 4.49 8.89 14.87
C LEU A 171 3.04 8.45 15.08
N ALA A 172 2.12 9.40 15.03
CA ALA A 172 0.72 9.07 15.01
C ALA A 172 0.05 9.57 13.72
N VAL A 173 -0.27 8.64 12.83
CA VAL A 173 -0.97 8.97 11.59
C VAL A 173 -2.47 9.12 11.82
N ARG A 174 -3.05 10.21 11.35
CA ARG A 174 -4.48 10.41 11.50
C ARG A 174 -5.26 10.23 10.22
N SER A 175 -6.56 9.99 10.34
CA SER A 175 -7.43 9.92 9.19
C SER A 175 -7.85 11.33 8.84
N PRO A 176 -7.76 11.69 7.56
CA PRO A 176 -8.15 13.01 7.04
C PRO A 176 -9.63 13.16 6.68
N ILE A 177 -10.39 12.06 6.67
CA ILE A 177 -11.79 12.06 6.24
C ILE A 177 -12.67 11.10 7.04
N ASN A 178 -13.98 11.34 7.01
CA ASN A 178 -14.91 10.47 7.71
C ASN A 178 -15.25 9.25 6.89
N GLY A 179 -15.39 8.11 7.58
CA GLY A 179 -15.81 6.88 6.94
C GLY A 179 -15.72 5.66 7.85
N ARG A 180 -15.53 4.52 7.21
CA ARG A 180 -15.28 3.26 7.92
C ARG A 180 -13.92 2.68 7.49
N VAL A 181 -13.27 1.94 8.39
CA VAL A 181 -12.10 1.15 7.99
C VAL A 181 -12.55 0.09 7.00
N VAL A 182 -12.14 0.22 5.75
CA VAL A 182 -12.61 -0.65 4.68
C VAL A 182 -11.64 -1.78 4.29
N ASP A 183 -10.34 -1.62 4.60
CA ASP A 183 -9.33 -2.68 4.39
C ASP A 183 -8.29 -2.60 5.49
N LEU A 184 -7.76 -3.75 5.93
CA LEU A 184 -6.78 -3.77 7.02
C LEU A 184 -5.33 -4.11 6.65
N ASN A 185 -4.98 -5.38 6.65
CA ASN A 185 -3.63 -5.79 6.26
C ASN A 185 -2.43 -5.14 6.97
N ALA A 186 -2.47 -5.06 8.30
CA ALA A 186 -1.26 -4.74 9.05
C ALA A 186 -1.30 -5.44 10.40
N ALA A 187 -0.14 -5.73 10.96
CA ALA A 187 -0.09 -6.41 12.25
C ALA A 187 0.57 -5.54 13.30
N THR A 188 0.09 -5.60 14.53
CA THR A 188 0.77 -4.92 15.61
C THR A 188 2.09 -5.62 15.81
N GLY A 189 3.15 -4.86 16.03
CA GLY A 189 4.45 -5.46 16.23
C GLY A 189 5.23 -5.65 14.96
N ALA A 190 4.51 -5.81 13.86
CA ALA A 190 5.13 -5.97 12.54
C ALA A 190 5.94 -4.73 12.20
N TYR A 191 7.03 -4.91 11.44
CA TYR A 191 7.76 -3.77 10.91
C TYR A 191 7.11 -3.46 9.57
N TRP A 192 7.05 -2.19 9.22
CA TRP A 192 6.49 -1.76 7.94
C TRP A 192 7.59 -1.03 7.15
N ASN A 193 7.99 -1.60 6.02
CA ASN A 193 9.07 -1.01 5.27
C ASN A 193 8.65 -0.20 4.04
N ASP A 194 7.60 -0.65 3.37
CA ASP A 194 7.22 -0.08 2.08
C ASP A 194 6.53 1.28 2.16
N THR A 195 6.50 1.94 1.02
CA THR A 195 5.51 2.98 0.77
C THR A 195 5.31 3.12 -0.76
N THR A 196 4.13 3.49 -1.22
CA THR A 196 2.91 3.51 -0.44
C THR A 196 2.91 2.45 0.65
N ALA A 197 2.88 1.19 0.25
CA ALA A 197 2.49 0.11 1.16
C ALA A 197 1.04 0.33 1.60
N SER A 198 0.82 1.21 2.60
CA SER A 198 -0.55 1.47 3.08
C SER A 198 -1.07 0.48 4.17
N LEU A 199 -1.23 0.98 5.37
CA LEU A 199 -1.56 0.10 6.48
C LEU A 199 -3.02 -0.26 6.44
N MET A 200 -3.88 0.72 6.20
CA MET A 200 -5.31 0.47 6.11
C MET A 200 -5.96 1.34 5.03
N THR A 201 -7.27 1.17 4.85
CA THR A 201 -8.00 1.96 3.88
C THR A 201 -9.29 2.52 4.44
N VAL A 202 -9.36 3.83 4.61
CA VAL A 202 -10.56 4.50 5.06
C VAL A 202 -11.40 4.89 3.85
N ALA A 203 -12.71 4.79 3.98
CA ALA A 203 -13.62 5.12 2.88
C ALA A 203 -15.02 5.43 3.37
N ASP A 204 -15.69 6.32 2.65
CA ASP A 204 -17.10 6.62 2.88
C ASP A 204 -17.85 6.32 1.58
N LEU A 205 -18.50 5.15 1.56
CA LEU A 205 -19.24 4.70 0.37
C LEU A 205 -20.77 4.84 0.51
N SER A 206 -21.21 5.86 1.25
CA SER A 206 -22.61 6.23 1.29
C SER A 206 -23.09 6.40 -0.14
N HIS A 207 -22.18 6.84 -1.00
CA HIS A 207 -22.48 6.88 -2.41
C HIS A 207 -21.28 6.38 -3.20
N VAL A 208 -21.53 5.79 -4.36
CA VAL A 208 -20.47 5.21 -5.16
C VAL A 208 -20.55 5.69 -6.59
N PHE A 209 -19.44 5.60 -7.32
CA PHE A 209 -19.49 5.72 -8.78
C PHE A 209 -19.84 4.38 -9.44
N VAL A 210 -20.78 4.43 -10.36
CA VAL A 210 -20.94 3.33 -11.29
C VAL A 210 -20.31 3.85 -12.55
N THR A 211 -19.13 3.30 -12.87
CA THR A 211 -18.31 3.81 -13.95
C THR A 211 -18.36 2.84 -15.13
N ALA A 212 -19.04 3.27 -16.20
CA ALA A 212 -19.06 2.50 -17.43
C ALA A 212 -18.01 3.06 -18.38
N ASN A 213 -17.59 2.23 -19.32
CA ASN A 213 -16.54 2.58 -20.22
C ASN A 213 -17.06 2.45 -21.63
N ALA A 214 -16.90 3.49 -22.43
CA ALA A 214 -17.42 3.51 -23.80
C ALA A 214 -16.34 3.56 -24.87
N GLN A 215 -16.71 3.07 -26.06
CA GLN A 215 -15.81 3.05 -27.21
C GLN A 215 -16.10 4.14 -28.24
N GLU A 216 -15.19 4.33 -29.18
CA GLU A 216 -15.34 5.41 -30.15
C GLU A 216 -16.64 5.23 -30.90
N LYS A 217 -17.02 3.98 -31.12
CA LYS A 217 -18.31 3.58 -31.66
C LYS A 217 -19.46 4.40 -31.03
N ASP A 218 -19.51 4.39 -29.70
CA ASP A 218 -20.60 4.99 -28.94
C ASP A 218 -20.11 6.10 -28.05
N LEU A 219 -19.54 7.14 -28.65
CA LEU A 219 -18.95 8.21 -27.86
C LEU A 219 -19.64 9.51 -28.20
N GLY A 220 -20.21 9.56 -29.40
CA GLY A 220 -21.01 10.72 -29.79
C GLY A 220 -22.41 10.52 -29.24
N HIS A 221 -22.66 9.35 -28.67
CA HIS A 221 -23.97 8.96 -28.20
C HIS A 221 -24.12 9.13 -26.69
N VAL A 222 -23.08 9.61 -26.04
CA VAL A 222 -23.16 9.91 -24.61
C VAL A 222 -23.19 11.40 -24.31
N TYR A 223 -23.93 11.76 -23.28
CA TYR A 223 -24.07 13.13 -22.86
C TYR A 223 -24.36 13.27 -21.36
N VAL A 224 -23.71 14.24 -20.74
CA VAL A 224 -23.99 14.58 -19.36
C VAL A 224 -25.44 15.03 -19.26
N GLY A 225 -26.22 14.34 -18.43
CA GLY A 225 -27.65 14.49 -18.44
C GLY A 225 -28.43 13.18 -18.55
N GLN A 226 -27.98 12.20 -19.37
CA GLN A 226 -28.67 10.89 -19.49
C GLN A 226 -28.70 10.29 -18.10
N SER A 227 -29.66 9.44 -17.71
CA SER A 227 -30.67 8.73 -18.50
C SER A 227 -30.15 7.32 -18.77
N ALA A 228 -29.92 6.58 -17.68
CA ALA A 228 -29.31 5.27 -17.70
C ALA A 228 -30.10 4.23 -16.93
N THR A 229 -30.07 3.00 -17.43
CA THR A 229 -30.56 1.88 -16.66
C THR A 229 -29.42 0.94 -16.32
N VAL A 230 -29.17 0.78 -15.03
CA VAL A 230 -28.07 -0.06 -14.59
C VAL A 230 -28.54 -1.36 -13.97
N LYS A 231 -28.13 -2.46 -14.57
CA LYS A 231 -28.45 -3.76 -14.01
C LYS A 231 -27.20 -4.47 -13.53
N PHE A 232 -27.11 -4.66 -12.23
CA PHE A 232 -25.94 -5.29 -11.69
C PHE A 232 -26.02 -6.79 -11.83
N ASP A 233 -25.69 -7.44 -10.73
CA ASP A 233 -25.47 -8.87 -10.53
C ASP A 233 -24.59 -8.78 -9.29
N ALA A 234 -24.99 -9.48 -8.23
CA ALA A 234 -26.14 -10.35 -8.31
C ALA A 234 -27.35 -9.68 -7.72
N TYR A 235 -27.85 -8.65 -8.40
CA TYR A 235 -29.13 -8.04 -8.04
C TYR A 235 -30.10 -8.10 -9.23
N ASP A 236 -31.20 -8.82 -9.05
CA ASP A 236 -32.18 -8.99 -10.11
C ASP A 236 -32.73 -7.67 -10.62
N ASP A 237 -33.07 -6.82 -9.67
CA ASP A 237 -33.86 -5.64 -9.99
C ASP A 237 -32.98 -4.53 -10.50
N PRO A 238 -33.18 -4.15 -11.76
CA PRO A 238 -32.42 -3.06 -12.40
C PRO A 238 -32.63 -1.75 -11.65
N GLN A 239 -31.95 -0.69 -12.06
CA GLN A 239 -31.94 0.53 -11.26
C GLN A 239 -31.50 1.70 -12.13
N PRO A 240 -32.15 2.86 -11.96
CA PRO A 240 -31.93 4.06 -12.77
C PRO A 240 -30.76 4.93 -12.32
N GLY A 241 -30.12 5.61 -13.28
CA GLY A 241 -29.05 6.53 -12.96
C GLY A 241 -28.98 7.69 -13.94
N LYS A 242 -28.16 8.68 -13.61
CA LYS A 242 -27.89 9.81 -14.50
C LYS A 242 -26.39 10.09 -14.54
N VAL A 243 -25.83 10.18 -15.75
CA VAL A 243 -24.39 10.40 -15.96
C VAL A 243 -23.99 11.83 -15.61
N ARG A 244 -22.92 11.96 -14.82
CA ARG A 244 -22.43 13.25 -14.35
C ARG A 244 -21.19 13.59 -15.12
N TYR A 245 -20.50 12.54 -15.58
CA TYR A 245 -19.24 12.66 -16.27
C TYR A 245 -19.10 11.51 -17.23
N VAL A 246 -18.72 11.74 -18.48
CA VAL A 246 -18.57 13.01 -19.18
C VAL A 246 -17.87 12.48 -20.42
N GLY A 247 -16.55 12.48 -20.39
CA GLY A 247 -15.73 12.14 -21.53
C GLY A 247 -14.45 11.72 -20.90
N GLN A 248 -13.27 12.14 -21.37
CA GLN A 248 -13.03 13.03 -22.52
C GLN A 248 -11.64 12.75 -23.14
N ILE A 249 -10.90 11.81 -22.56
CA ILE A 249 -9.75 11.25 -23.27
C ILE A 249 -9.66 9.75 -23.17
N LEU A 250 -9.28 9.10 -24.26
CA LEU A 250 -9.13 7.66 -24.31
C LEU A 250 -8.01 7.14 -23.41
N ASP A 251 -7.85 5.81 -23.37
CA ASP A 251 -7.02 5.13 -22.37
C ASP A 251 -5.83 4.43 -23.02
N ALA A 252 -5.52 4.78 -24.27
CA ALA A 252 -4.33 4.26 -24.95
C ALA A 252 -4.30 2.73 -25.03
N ASP A 253 -4.15 2.05 -23.90
CA ASP A 253 -4.23 0.59 -23.88
C ASP A 253 -5.59 0.10 -24.38
N THR A 254 -6.69 0.53 -23.70
CA THR A 254 -8.02 -0.03 -23.96
C THR A 254 -8.81 0.76 -25.00
N ARG A 255 -8.38 1.99 -25.25
CA ARG A 255 -9.07 2.87 -26.21
C ARG A 255 -10.52 3.20 -25.86
N THR A 256 -10.90 3.00 -24.59
CA THR A 256 -12.19 3.45 -24.06
C THR A 256 -12.08 4.74 -23.22
N THR A 257 -13.20 5.43 -23.03
CA THR A 257 -13.25 6.59 -22.14
C THR A 257 -14.23 6.37 -20.96
N LYS A 258 -13.99 7.01 -19.82
CA LYS A 258 -14.84 6.79 -18.64
C LYS A 258 -16.16 7.59 -18.66
N VAL A 259 -17.25 6.86 -18.48
CA VAL A 259 -18.57 7.46 -18.43
C VAL A 259 -19.17 7.05 -17.10
N ARG A 260 -19.26 8.00 -16.18
CA ARG A 260 -19.64 7.63 -14.81
C ARG A 260 -20.88 8.33 -14.26
N MET A 261 -21.69 7.56 -13.56
CA MET A 261 -22.82 8.11 -12.87
C MET A 261 -22.72 7.83 -11.37
N VAL A 262 -23.15 8.79 -10.54
CA VAL A 262 -23.08 8.62 -9.11
C VAL A 262 -24.33 7.98 -8.57
N PHE A 263 -24.17 7.00 -7.69
CA PHE A 263 -25.30 6.27 -7.10
C PHE A 263 -25.37 6.45 -5.61
N ASP A 264 -26.58 6.48 -5.09
CA ASP A 264 -26.82 6.40 -3.65
C ASP A 264 -26.58 4.96 -3.24
N ASN A 265 -26.05 4.76 -2.05
CA ASN A 265 -25.68 3.44 -1.60
C ASN A 265 -26.02 3.34 -0.15
N PRO A 266 -27.31 3.39 0.15
CA PRO A 266 -27.80 3.55 1.51
C PRO A 266 -27.87 2.21 2.19
N ASP A 267 -27.43 1.14 1.54
CA ASP A 267 -27.71 -0.15 2.12
C ASP A 267 -26.58 -1.05 2.63
N GLY A 268 -25.35 -0.97 2.11
CA GLY A 268 -25.04 -0.50 0.79
C GLY A 268 -24.67 -1.77 0.04
N ARG A 269 -25.61 -2.25 -0.76
CA ARG A 269 -25.45 -3.49 -1.49
C ARG A 269 -24.57 -3.18 -2.70
N LEU A 270 -24.22 -1.91 -2.84
CA LEU A 270 -23.36 -1.45 -3.90
C LEU A 270 -21.90 -1.48 -3.43
N ARG A 271 -21.11 -2.43 -3.91
CA ARG A 271 -19.70 -2.55 -3.47
C ARG A 271 -18.68 -2.29 -4.55
N PRO A 272 -17.82 -1.28 -4.35
CA PRO A 272 -16.76 -0.95 -5.29
C PRO A 272 -16.11 -2.21 -5.81
N GLY A 273 -16.12 -2.41 -7.13
CA GLY A 273 -15.60 -3.63 -7.71
C GLY A 273 -16.65 -4.47 -8.43
N MET A 274 -17.87 -4.46 -7.92
CA MET A 274 -18.95 -5.22 -8.52
C MET A 274 -19.12 -4.80 -9.96
N PHE A 275 -19.73 -5.69 -10.75
CA PHE A 275 -20.02 -5.43 -12.17
C PHE A 275 -21.45 -5.04 -12.40
N ALA A 276 -21.68 -4.31 -13.50
CA ALA A 276 -23.02 -3.93 -13.94
C ALA A 276 -23.04 -3.72 -15.45
N GLN A 277 -24.22 -3.59 -16.03
CA GLN A 277 -24.31 -2.99 -17.37
C GLN A 277 -25.26 -1.79 -17.47
N ALA A 278 -25.23 -1.12 -18.61
CA ALA A 278 -25.88 0.18 -18.82
C ALA A 278 -25.72 0.45 -20.32
N THR A 279 -26.73 0.60 -21.18
CA THR A 279 -28.18 0.87 -21.08
C THR A 279 -28.53 2.37 -21.11
N PHE A 280 -28.69 2.86 -22.34
CA PHE A 280 -28.77 4.28 -22.70
C PHE A 280 -29.58 4.48 -23.99
N LEU A 281 -30.07 5.70 -24.23
CA LEU A 281 -30.64 6.04 -25.54
C LEU A 281 -30.14 7.35 -26.10
N SER A 282 -29.40 7.30 -27.20
CA SER A 282 -28.91 8.53 -27.84
C SER A 282 -30.03 9.47 -28.30
N GLN A 283 -29.83 10.78 -28.13
CA GLN A 283 -30.73 11.75 -28.76
C GLN A 283 -30.93 11.41 -30.23
N PRO A 284 -32.18 11.57 -30.70
CA PRO A 284 -32.34 11.46 -32.14
C PRO A 284 -31.44 12.48 -32.87
N HIS A 285 -30.75 11.98 -33.89
CA HIS A 285 -29.98 12.84 -34.78
C HIS A 285 -30.06 12.21 -36.13
N GLU A 286 -29.91 13.04 -37.15
CA GLU A 286 -29.95 12.61 -38.54
C GLU A 286 -28.58 12.03 -38.88
N GLY A 287 -28.52 10.71 -39.09
CA GLY A 287 -27.24 10.06 -39.34
C GLY A 287 -27.26 9.27 -40.63
N ILE A 288 -26.09 8.94 -41.17
CA ILE A 288 -26.00 8.14 -42.40
C ILE A 288 -25.73 6.65 -42.12
N VAL A 289 -26.36 5.78 -42.91
CA VAL A 289 -26.39 4.36 -42.61
C VAL A 289 -26.31 3.49 -43.84
N VAL A 290 -25.44 2.49 -43.77
CA VAL A 290 -25.30 1.52 -44.85
C VAL A 290 -25.53 0.10 -44.33
N PRO A 291 -25.82 -0.84 -45.22
CA PRO A 291 -25.87 -2.23 -44.74
C PRO A 291 -24.49 -2.77 -44.48
N MET A 292 -24.42 -3.80 -43.64
CA MET A 292 -23.20 -4.50 -43.32
C MET A 292 -22.44 -4.90 -44.58
N SER A 293 -23.17 -5.42 -45.56
CA SER A 293 -22.55 -5.86 -46.80
C SER A 293 -21.57 -4.84 -47.41
N ALA A 294 -21.69 -3.57 -47.02
CA ALA A 294 -20.88 -2.49 -47.61
C ALA A 294 -19.56 -2.16 -46.89
N ILE A 295 -19.44 -2.57 -45.64
CA ILE A 295 -18.26 -2.26 -44.84
C ILE A 295 -17.23 -3.38 -44.86
N VAL A 296 -15.98 -3.00 -44.96
CA VAL A 296 -14.91 -3.98 -44.93
C VAL A 296 -13.79 -3.53 -44.01
N GLN A 297 -13.16 -4.52 -43.37
CA GLN A 297 -12.08 -4.32 -42.42
C GLN A 297 -10.82 -5.07 -42.89
N SER A 298 -9.68 -4.37 -42.83
CA SER A 298 -8.38 -4.92 -43.22
C SER A 298 -7.41 -5.00 -42.04
N GLY A 299 -7.45 -3.95 -41.21
CA GLY A 299 -6.65 -3.89 -40.00
C GLY A 299 -7.53 -3.22 -38.97
N PHE A 300 -6.91 -2.29 -38.24
CA PHE A 300 -7.58 -1.17 -37.56
C PHE A 300 -8.20 -0.16 -38.55
N TYR A 301 -9.00 -0.73 -39.46
CA TYR A 301 -9.82 -0.06 -40.47
C TYR A 301 -10.26 -1.20 -41.43
N THR A 302 -11.46 -1.24 -42.05
CA THR A 302 -12.62 -0.32 -42.01
C THR A 302 -12.75 0.77 -43.10
N ARG A 303 -13.50 0.45 -44.15
CA ARG A 303 -13.78 1.38 -45.24
C ARG A 303 -14.82 0.82 -46.21
N ALA A 304 -15.50 1.71 -46.91
CA ALA A 304 -16.48 1.33 -47.91
C ALA A 304 -15.92 1.69 -49.27
N PHE A 305 -16.59 1.26 -50.34
CA PHE A 305 -16.16 1.65 -51.67
C PHE A 305 -17.23 2.52 -52.37
N VAL A 306 -16.76 3.57 -53.04
CA VAL A 306 -17.66 4.54 -53.61
C VAL A 306 -17.39 4.61 -55.09
N GLU A 307 -18.44 4.55 -55.90
CA GLU A 307 -18.31 4.66 -57.37
C GLU A 307 -18.23 6.11 -57.89
N VAL A 308 -17.32 6.35 -58.83
CA VAL A 308 -16.85 7.71 -59.14
C VAL A 308 -17.70 8.64 -60.04
N ALA A 309 -18.07 8.37 -61.31
CA ALA A 309 -17.52 7.46 -62.35
C ALA A 309 -18.00 6.00 -62.45
N PRO A 310 -18.70 5.66 -63.54
CA PRO A 310 -19.31 4.34 -63.68
C PRO A 310 -18.34 3.18 -63.84
N TRP A 311 -18.29 2.35 -62.80
CA TRP A 311 -17.42 1.18 -62.77
C TRP A 311 -15.99 1.56 -62.41
N GLN A 312 -15.86 2.71 -61.75
CA GLN A 312 -14.59 3.17 -61.22
C GLN A 312 -14.77 3.52 -59.73
N PHE A 313 -14.11 2.78 -58.85
CA PHE A 313 -14.34 2.92 -57.42
C PHE A 313 -13.12 3.46 -56.68
N GLU A 314 -13.39 4.19 -55.60
CA GLU A 314 -12.35 4.69 -54.71
C GLU A 314 -12.58 4.15 -53.31
N PRO A 315 -11.51 3.72 -52.64
CA PRO A 315 -11.63 3.26 -51.25
C PRO A 315 -12.16 4.42 -50.44
N ARG A 316 -12.78 4.19 -49.29
CA ARG A 316 -13.03 5.30 -48.37
C ARG A 316 -12.99 4.91 -46.91
N VAL A 317 -11.94 5.38 -46.23
CA VAL A 317 -11.76 5.25 -44.78
C VAL A 317 -12.92 5.84 -43.97
N ILE A 318 -13.74 4.98 -43.37
CA ILE A 318 -14.90 5.36 -42.59
C ILE A 318 -14.79 4.85 -41.16
N LYS A 319 -15.56 5.46 -40.26
CA LYS A 319 -15.85 4.93 -38.94
C LYS A 319 -17.10 5.69 -38.54
N LEU A 320 -18.14 5.11 -37.93
CA LEU A 320 -18.43 3.70 -37.72
C LEU A 320 -19.29 3.52 -36.47
N GLY A 321 -20.38 2.76 -36.58
CA GLY A 321 -21.24 2.40 -35.44
C GLY A 321 -21.91 3.62 -34.89
N ALA A 322 -23.11 3.50 -34.31
CA ALA A 322 -23.77 2.25 -33.93
C ALA A 322 -24.27 1.38 -35.07
N GLN A 323 -24.44 0.10 -34.78
CA GLN A 323 -25.03 -0.84 -35.70
C GLN A 323 -26.30 -1.41 -35.08
N ILE A 324 -26.69 -2.60 -35.53
CA ILE A 324 -28.00 -3.24 -35.26
C ILE A 324 -29.16 -2.70 -36.10
N GLY A 325 -29.72 -3.60 -36.89
CA GLY A 325 -29.24 -4.96 -36.92
C GLY A 325 -28.17 -5.20 -37.98
N ASP A 326 -28.59 -5.19 -39.24
CA ASP A 326 -27.66 -5.24 -40.37
C ASP A 326 -27.38 -3.83 -40.88
N ARG A 327 -28.04 -2.85 -40.27
CA ARG A 327 -27.79 -1.45 -40.57
C ARG A 327 -26.66 -0.88 -39.70
N MET A 328 -25.84 -0.05 -40.32
CA MET A 328 -24.63 0.43 -39.70
C MET A 328 -24.54 1.92 -39.88
N GLU A 329 -24.48 2.66 -38.76
CA GLU A 329 -24.22 4.08 -38.82
C GLU A 329 -22.77 4.36 -39.17
N VAL A 330 -22.56 5.00 -40.31
CA VAL A 330 -21.24 5.52 -40.69
C VAL A 330 -21.12 6.97 -40.25
N LYS A 331 -20.37 7.25 -39.19
CA LYS A 331 -20.24 8.62 -38.68
C LYS A 331 -19.22 9.54 -39.39
N SER A 332 -18.66 9.07 -40.51
CA SER A 332 -17.68 9.78 -41.34
C SER A 332 -16.81 8.73 -42.03
N GLY A 333 -16.79 8.71 -43.37
CA GLY A 333 -17.58 9.54 -44.25
C GLY A 333 -16.91 9.52 -45.60
N LEU A 334 -17.60 9.17 -46.69
CA LEU A 334 -19.03 8.87 -46.75
C LEU A 334 -19.96 9.99 -46.31
N SER A 335 -20.52 10.66 -47.32
CA SER A 335 -21.49 11.74 -47.16
C SER A 335 -22.66 11.52 -48.13
N ALA A 336 -23.75 12.25 -47.93
CA ALA A 336 -25.01 12.00 -48.64
C ALA A 336 -24.87 11.87 -50.15
N GLY A 337 -25.49 10.83 -50.72
CA GLY A 337 -25.49 10.66 -52.16
C GLY A 337 -24.49 9.67 -52.74
N ASP A 338 -23.29 9.60 -52.15
CA ASP A 338 -22.24 8.71 -52.65
C ASP A 338 -22.79 7.36 -53.05
N ARG A 339 -22.36 6.89 -54.21
CA ARG A 339 -22.76 5.56 -54.64
C ARG A 339 -21.88 4.52 -53.95
N VAL A 340 -22.37 3.98 -52.85
CA VAL A 340 -21.61 3.01 -52.09
C VAL A 340 -21.90 1.61 -52.61
N VAL A 341 -20.89 0.74 -52.53
CA VAL A 341 -21.02 -0.63 -53.05
C VAL A 341 -21.63 -1.61 -52.03
N VAL A 342 -22.21 -2.72 -52.51
CA VAL A 342 -22.80 -3.74 -51.63
C VAL A 342 -22.54 -5.25 -51.99
N LYS A 343 -21.28 -5.64 -52.02
CA LYS A 343 -20.17 -4.69 -51.99
C LYS A 343 -19.16 -4.99 -53.10
N GLU A 344 -18.19 -5.85 -52.87
CA GLU A 344 -18.04 -6.61 -51.65
C GLU A 344 -16.54 -6.83 -51.52
N GLY A 345 -16.01 -7.81 -52.25
CA GLY A 345 -14.59 -8.08 -52.31
C GLY A 345 -13.99 -7.52 -53.59
N VAL A 346 -14.12 -6.21 -53.76
CA VAL A 346 -13.28 -5.43 -54.67
C VAL A 346 -12.06 -4.97 -53.85
N LEU A 347 -11.58 -5.86 -52.98
CA LEU A 347 -10.40 -5.61 -52.15
C LEU A 347 -9.54 -6.88 -51.98
N LEU A 348 -9.47 -7.74 -53.00
CA LEU A 348 -8.58 -8.93 -52.95
C LEU A 348 -8.18 -9.51 -54.31
N ASN A 349 -9.13 -9.56 -55.23
CA ASN A 349 -8.94 -10.27 -56.50
C ASN A 349 -8.77 -11.78 -56.27
N ASP A 350 -9.89 -12.48 -56.38
CA ASP A 350 -9.95 -13.91 -56.04
C ASP A 350 -10.56 -14.76 -57.16
N THR B 39 -43.33 -21.58 -1.75
CA THR B 39 -42.36 -20.66 -1.15
C THR B 39 -41.38 -21.39 -0.22
N VAL B 40 -40.10 -21.13 -0.42
CA VAL B 40 -39.05 -21.93 0.21
C VAL B 40 -37.71 -21.17 0.23
N ALA B 41 -36.77 -21.65 1.06
CA ALA B 41 -35.39 -21.15 1.07
C ALA B 41 -34.43 -22.17 0.44
N ALA B 42 -33.14 -21.90 0.53
CA ALA B 42 -32.14 -22.79 -0.07
C ALA B 42 -30.75 -22.60 0.54
N PRO B 43 -30.29 -23.62 1.28
CA PRO B 43 -28.98 -23.62 1.92
C PRO B 43 -27.84 -23.58 0.90
N PHE B 44 -26.91 -22.65 1.09
CA PHE B 44 -25.69 -22.66 0.30
C PHE B 44 -24.47 -22.62 1.21
N ASN B 45 -23.31 -22.93 0.63
CA ASN B 45 -22.06 -23.04 1.37
C ASN B 45 -20.97 -22.10 0.88
N LEU B 46 -20.16 -21.61 1.81
CA LEU B 46 -18.99 -20.80 1.45
C LEU B 46 -17.76 -21.32 2.17
N PRO B 47 -16.60 -21.20 1.55
CA PRO B 47 -15.50 -21.75 2.32
C PRO B 47 -15.03 -20.67 3.28
N ALA B 48 -14.78 -21.04 4.53
CA ALA B 48 -14.30 -20.08 5.52
C ALA B 48 -12.85 -20.35 5.91
N MET B 49 -12.27 -19.38 6.61
CA MET B 49 -10.96 -19.53 7.22
C MET B 49 -10.98 -18.83 8.54
N ILE B 50 -10.61 -19.54 9.58
CA ILE B 50 -10.57 -18.93 10.91
C ILE B 50 -9.28 -18.12 11.01
N GLU B 51 -9.33 -16.97 11.68
CA GLU B 51 -8.10 -16.27 11.98
C GLU B 51 -8.18 -15.50 13.27
N ALA B 52 -7.03 -15.06 13.73
CA ALA B 52 -6.93 -14.44 15.04
C ALA B 52 -7.49 -13.05 14.98
N ASP B 53 -8.07 -12.61 16.10
CA ASP B 53 -8.61 -11.26 16.13
C ASP B 53 -7.42 -10.33 16.18
N PRO B 54 -7.39 -9.35 15.27
CA PRO B 54 -6.32 -8.37 15.28
C PRO B 54 -6.85 -7.02 15.73
N ALA B 55 -6.17 -6.37 16.66
CA ALA B 55 -5.09 -7.00 17.36
C ALA B 55 -5.59 -7.72 18.62
N LYS B 56 -4.82 -8.69 19.04
CA LYS B 56 -5.13 -9.62 20.08
C LYS B 56 -3.96 -10.48 19.74
N LEU B 57 -3.41 -10.18 18.56
CA LEU B 57 -2.17 -10.80 18.12
C LEU B 57 -1.13 -9.73 17.79
N VAL B 58 0.12 -10.16 17.87
CA VAL B 58 1.25 -9.26 17.89
C VAL B 58 2.46 -10.01 17.33
N LYS B 59 3.05 -9.46 16.27
CA LYS B 59 4.31 -9.97 15.79
C LYS B 59 5.38 -9.59 16.79
N VAL B 60 6.43 -10.40 16.91
CA VAL B 60 7.54 -10.01 17.79
C VAL B 60 8.86 -9.91 17.00
N LEU B 61 9.32 -8.67 16.84
CA LEU B 61 10.59 -8.41 16.17
C LEU B 61 11.74 -8.60 17.14
N PRO B 62 12.88 -9.08 16.65
CA PRO B 62 14.00 -9.12 17.59
C PRO B 62 14.82 -7.85 17.49
N PRO B 63 14.87 -7.06 18.56
CA PRO B 63 15.64 -5.81 18.57
C PRO B 63 17.11 -6.16 18.68
N LEU B 64 17.89 -5.84 17.65
CA LEU B 64 19.29 -6.24 17.50
C LEU B 64 19.44 -7.50 16.68
N ALA B 65 20.34 -7.50 15.71
CA ALA B 65 20.84 -8.77 15.21
C ALA B 65 21.66 -9.32 16.36
N GLY B 66 21.92 -10.63 16.39
CA GLY B 66 21.47 -11.55 15.38
C GLY B 66 21.41 -13.02 15.82
N ARG B 67 22.42 -13.54 16.50
CA ARG B 67 22.43 -14.98 16.79
C ARG B 67 21.52 -15.40 17.94
N ILE B 68 20.59 -16.32 17.65
CA ILE B 68 19.59 -16.78 18.60
C ILE B 68 20.08 -17.92 19.47
N VAL B 69 20.08 -17.74 20.79
CA VAL B 69 20.71 -18.66 21.75
C VAL B 69 19.69 -19.65 22.32
N SER B 70 18.61 -19.09 22.86
CA SER B 70 17.51 -19.89 23.37
C SER B 70 16.30 -19.71 22.50
N LEU B 71 15.49 -20.76 22.44
CA LEU B 71 14.13 -20.61 21.92
C LEU B 71 13.20 -21.35 22.89
N ASN B 72 12.45 -20.56 23.64
CA ASN B 72 11.39 -21.05 24.48
C ASN B 72 10.21 -21.15 23.56
N LYS B 73 9.07 -21.63 24.07
CA LYS B 73 7.87 -21.73 23.23
C LYS B 73 8.02 -22.61 21.96
N GLN B 74 7.14 -23.58 21.79
CA GLN B 74 7.07 -24.28 20.52
C GLN B 74 5.85 -23.71 19.79
N LEU B 75 5.69 -24.01 18.51
CA LEU B 75 4.54 -23.45 17.79
C LEU B 75 3.29 -23.96 18.49
N GLY B 76 2.36 -23.05 18.75
CA GLY B 76 1.12 -23.41 19.41
C GLY B 76 1.14 -23.39 20.93
N ASP B 77 2.30 -23.19 21.54
CA ASP B 77 2.40 -23.18 23.00
C ASP B 77 1.74 -21.97 23.67
N GLU B 78 1.59 -22.06 24.98
CA GLU B 78 0.79 -21.12 25.73
C GLU B 78 1.60 -20.03 26.46
N VAL B 79 1.64 -18.84 25.88
CA VAL B 79 2.24 -17.67 26.53
C VAL B 79 1.07 -16.74 26.94
N LYS B 80 1.17 -15.89 27.96
CA LYS B 80 2.15 -15.83 29.05
C LYS B 80 2.23 -14.39 29.57
N ALA B 81 2.47 -13.45 28.65
CA ALA B 81 2.78 -12.05 28.96
C ALA B 81 3.90 -11.91 29.97
N GLY B 82 4.88 -11.06 29.64
CA GLY B 82 6.12 -10.97 30.40
C GLY B 82 7.10 -12.12 30.21
N ASP B 83 6.63 -13.27 29.74
CA ASP B 83 7.46 -14.46 29.64
C ASP B 83 8.50 -14.38 28.52
N VAL B 84 9.69 -14.93 28.76
CA VAL B 84 10.77 -14.83 27.76
C VAL B 84 10.50 -15.70 26.55
N LEU B 85 10.43 -15.08 25.37
CA LEU B 85 10.16 -15.82 24.15
C LEU B 85 11.46 -16.31 23.51
N PHE B 86 12.42 -15.40 23.34
CA PHE B 86 13.74 -15.78 22.90
C PHE B 86 14.85 -14.94 23.52
N THR B 87 16.09 -15.28 23.20
CA THR B 87 17.23 -14.52 23.67
C THR B 87 18.31 -14.40 22.58
N ILE B 88 18.70 -13.17 22.27
CA ILE B 88 19.69 -12.88 21.21
C ILE B 88 21.07 -12.56 21.79
N ASP B 89 22.13 -13.01 21.10
CA ASP B 89 23.47 -12.59 21.41
C ASP B 89 23.86 -11.58 20.36
N SER B 90 24.11 -10.35 20.78
CA SER B 90 24.41 -9.27 19.86
C SER B 90 25.89 -8.93 19.94
N ALA B 91 26.53 -8.72 18.80
CA ALA B 91 27.93 -8.34 18.79
C ALA B 91 27.92 -6.87 19.09
N ASP B 92 26.77 -6.27 18.82
CA ASP B 92 26.57 -4.85 19.00
C ASP B 92 26.71 -4.48 20.49
N LEU B 93 25.98 -5.18 21.35
CA LEU B 93 26.03 -4.89 22.78
C LEU B 93 27.39 -5.25 23.38
N ALA B 94 27.89 -6.43 23.03
CA ALA B 94 29.16 -6.90 23.55
C ALA B 94 30.27 -5.91 23.21
N GLN B 95 30.08 -5.20 22.09
CA GLN B 95 31.03 -4.22 21.62
C GLN B 95 30.86 -2.90 22.38
N ALA B 96 29.64 -2.40 22.46
CA ALA B 96 29.35 -1.15 23.16
C ALA B 96 29.65 -1.17 24.66
N ASN B 97 29.47 -2.32 25.31
CA ASN B 97 29.92 -2.54 26.69
C ASN B 97 31.42 -2.37 26.84
N SER B 98 32.16 -3.18 26.08
CA SER B 98 33.60 -3.06 26.03
C SER B 98 33.97 -1.62 25.77
N ASP B 99 33.32 -1.02 24.77
CA ASP B 99 33.61 0.36 24.40
C ASP B 99 33.41 1.37 25.53
N ALA B 100 32.33 1.24 26.29
CA ALA B 100 32.06 2.15 27.40
C ALA B 100 32.95 1.85 28.59
N ALA B 101 33.22 0.57 28.82
CA ALA B 101 34.05 0.17 29.94
C ALA B 101 35.46 0.71 29.77
N LYS B 102 35.89 0.86 28.53
CA LYS B 102 37.17 1.49 28.23
C LYS B 102 37.04 2.99 28.44
N ALA B 103 36.29 3.65 27.56
CA ALA B 103 36.11 5.09 27.64
C ALA B 103 36.06 5.56 29.08
N ARG B 104 35.37 4.77 29.90
CA ARG B 104 35.08 5.10 31.29
C ARG B 104 36.24 4.78 32.22
N ALA B 105 37.00 3.74 31.87
CA ALA B 105 38.20 3.36 32.62
C ALA B 105 39.31 4.37 32.33
N ALA B 106 39.29 4.88 31.11
CA ALA B 106 40.25 5.86 30.64
C ALA B 106 39.91 7.26 31.12
N MET B 107 38.62 7.58 31.26
CA MET B 107 38.22 8.87 31.84
C MET B 107 38.71 9.00 33.29
N THR B 108 38.84 7.88 33.97
CA THR B 108 39.34 7.86 35.35
C THR B 108 40.79 8.29 35.42
N MET B 109 41.62 7.65 34.61
CA MET B 109 43.03 8.02 34.57
C MET B 109 43.18 9.51 34.27
N ALA B 110 42.43 9.99 33.29
CA ALA B 110 42.44 11.42 32.98
C ALA B 110 42.22 12.24 34.24
N ARG B 111 41.21 11.88 35.02
CA ARG B 111 40.96 12.54 36.29
C ARG B 111 42.08 12.31 37.29
N ARG B 112 42.56 11.08 37.36
CA ARG B 112 43.65 10.74 38.25
C ARG B 112 44.83 11.64 37.95
N ASN B 113 45.23 11.68 36.68
CA ASN B 113 46.36 12.49 36.29
C ASN B 113 46.12 13.96 36.59
N LEU B 114 44.99 14.48 36.13
CA LEU B 114 44.55 15.84 36.40
C LEU B 114 44.53 16.21 37.89
N ASP B 115 44.00 15.32 38.73
CA ASP B 115 43.99 15.58 40.16
C ASP B 115 45.40 15.64 40.76
N ARG B 116 46.36 14.95 40.13
CA ARG B 116 47.77 15.01 40.51
C ARG B 116 48.25 16.43 40.38
N GLN B 117 48.19 16.89 39.14
CA GLN B 117 48.53 18.24 38.74
C GLN B 117 47.86 19.32 39.57
N ARG B 118 46.64 19.05 40.02
CA ARG B 118 45.94 19.92 40.96
C ARG B 118 46.64 19.86 42.32
N GLU B 119 47.93 20.21 42.33
CA GLU B 119 48.79 20.05 43.52
C GLU B 119 50.18 20.68 43.40
N LEU B 120 50.70 20.78 42.18
CA LEU B 120 52.10 21.18 41.94
C LEU B 120 52.29 22.66 41.64
N ASP B 121 53.39 23.23 42.17
CA ASP B 121 53.77 24.64 41.97
C ASP B 121 52.79 25.46 41.12
N LYS B 122 51.54 25.51 41.56
CA LYS B 122 50.48 26.20 40.84
C LYS B 122 49.11 25.81 41.38
N SER B 123 48.54 26.61 42.28
CA SER B 123 49.14 27.85 42.82
C SER B 123 49.36 29.00 41.81
N GLU B 124 49.33 28.69 40.52
CA GLU B 124 49.22 29.70 39.46
C GLU B 124 50.34 30.76 39.51
N ILE B 125 51.37 30.69 38.66
CA ILE B 125 51.62 29.63 37.66
C ILE B 125 53.14 29.50 37.39
N ALA B 126 53.49 29.22 36.14
CA ALA B 126 54.84 29.44 35.60
C ALA B 126 55.91 28.41 36.00
N ALA B 127 56.17 27.43 35.11
CA ALA B 127 55.41 27.27 33.87
C ALA B 127 54.68 25.91 33.87
N LYS B 128 53.40 25.96 34.25
CA LYS B 128 52.55 24.78 34.44
C LYS B 128 51.76 24.40 33.18
N ARG B 129 52.35 24.66 32.02
CA ARG B 129 51.76 24.29 30.73
C ARG B 129 51.15 22.92 30.87
N ASP B 130 52.00 21.96 31.22
CA ASP B 130 51.59 20.62 31.59
C ASP B 130 50.13 20.52 32.07
N PHE B 131 49.63 21.56 32.73
CA PHE B 131 48.26 21.54 33.27
C PHE B 131 47.18 21.60 32.22
N GLU B 132 47.01 22.78 31.64
CA GLU B 132 45.90 23.01 30.74
C GLU B 132 45.89 21.96 29.65
N GLN B 133 46.94 21.15 29.63
CA GLN B 133 47.04 20.02 28.73
C GLN B 133 46.28 18.83 29.29
N ALA B 134 46.75 18.27 30.41
CA ALA B 134 46.07 17.13 31.03
C ALA B 134 44.64 17.47 31.42
N GLN B 135 44.34 18.76 31.34
CA GLN B 135 42.98 19.23 31.42
C GLN B 135 42.27 18.88 30.09
N SER B 136 42.81 19.35 28.97
CA SER B 136 42.32 18.98 27.63
C SER B 136 42.27 17.46 27.44
N ASP B 137 43.17 16.75 28.10
CA ASP B 137 43.16 15.31 28.01
C ASP B 137 41.86 14.77 28.60
N TYR B 138 41.44 15.34 29.72
CA TYR B 138 40.17 15.02 30.36
C TYR B 138 38.96 15.46 29.53
N ASP B 139 39.01 16.67 28.98
CA ASP B 139 37.93 17.08 28.10
C ASP B 139 37.65 15.95 27.11
N GLN B 140 38.68 15.55 26.36
CA GLN B 140 38.55 14.45 25.41
C GLN B 140 37.97 13.19 26.05
N ALA B 141 38.59 12.71 27.12
CA ALA B 141 38.17 11.44 27.73
C ALA B 141 36.68 11.41 28.13
N ALA B 142 36.22 12.51 28.71
CA ALA B 142 34.83 12.71 29.09
C ALA B 142 33.94 12.66 27.87
N SER B 143 34.25 13.50 26.89
CA SER B 143 33.64 13.41 25.57
C SER B 143 33.54 11.98 25.04
N GLU B 144 34.65 11.25 25.07
CA GLU B 144 34.59 9.88 24.62
C GLU B 144 33.71 9.01 25.52
N SER B 145 33.84 9.09 26.83
CA SER B 145 33.00 8.24 27.67
C SER B 145 31.51 8.54 27.50
N GLN B 146 31.14 9.79 27.30
CA GLN B 146 29.74 10.15 27.18
C GLN B 146 29.08 9.59 25.93
N ARG B 147 29.83 9.40 24.85
CA ARG B 147 29.20 8.93 23.62
C ARG B 147 29.09 7.43 23.65
N ALA B 148 30.05 6.77 24.29
CA ALA B 148 29.97 5.33 24.49
C ALA B 148 28.80 4.99 25.42
N ASP B 149 28.73 5.69 26.57
CA ASP B 149 27.66 5.50 27.52
C ASP B 149 26.32 5.81 26.87
N ALA B 150 26.36 6.50 25.73
CA ALA B 150 25.14 6.90 25.03
C ALA B 150 24.66 5.88 23.99
N ARG B 151 25.58 5.30 23.22
CA ARG B 151 25.24 4.22 22.30
C ARG B 151 24.64 3.07 23.09
N LEU B 152 25.25 2.75 24.23
CA LEU B 152 24.81 1.65 25.07
C LEU B 152 23.44 1.94 25.67
N ALA B 153 23.12 3.21 25.80
CA ALA B 153 21.85 3.56 26.39
C ALA B 153 20.83 3.49 25.28
N GLN B 154 21.22 4.01 24.12
CA GLN B 154 20.40 3.99 22.92
C GLN B 154 19.95 2.56 22.61
N LEU B 155 20.88 1.61 22.49
CA LEU B 155 20.48 0.25 22.13
C LEU B 155 20.01 -0.64 23.29
N GLY B 156 20.22 -0.20 24.53
CA GLY B 156 19.69 -0.93 25.67
C GLY B 156 18.16 -1.06 25.64
N ALA B 157 17.50 -0.01 25.16
CA ALA B 157 16.06 0.00 25.03
C ALA B 157 15.63 0.25 23.60
N LYS B 158 16.27 -0.43 22.66
CA LYS B 158 15.87 -0.36 21.27
C LYS B 158 14.66 -1.27 21.11
N GLY B 159 14.06 -1.63 22.24
CA GLY B 159 13.07 -2.69 22.30
C GLY B 159 13.71 -3.79 23.11
N GLY B 160 15.04 -3.77 23.13
CA GLY B 160 15.82 -4.67 23.96
C GLY B 160 15.14 -4.74 25.30
N GLY B 161 14.39 -5.80 25.52
CA GLY B 161 13.69 -5.96 26.77
C GLY B 161 14.72 -6.03 27.87
N THR B 162 15.20 -7.23 28.15
CA THR B 162 16.13 -7.47 29.26
C THR B 162 17.54 -7.86 28.82
N LEU B 163 18.50 -7.18 29.42
CA LEU B 163 19.92 -7.38 29.18
C LEU B 163 20.42 -8.56 30.01
N GLN B 164 19.82 -8.74 31.19
CA GLN B 164 20.21 -9.74 32.19
C GLN B 164 21.38 -9.26 33.07
N ALA B 165 21.04 -8.45 34.07
CA ALA B 165 22.02 -7.73 34.88
C ALA B 165 22.07 -8.23 36.33
N GLY B 166 23.12 -7.84 37.05
CA GLY B 166 24.19 -7.01 36.54
C GLY B 166 24.99 -7.66 35.41
N GLY B 167 25.03 -6.98 34.26
CA GLY B 167 25.70 -7.50 33.09
C GLY B 167 25.05 -7.05 31.78
N GLY B 168 25.36 -7.77 30.70
CA GLY B 168 24.81 -7.46 29.38
C GLY B 168 25.19 -8.48 28.31
N HIS B 169 25.22 -8.06 27.05
CA HIS B 169 25.71 -8.91 25.97
C HIS B 169 24.64 -9.89 25.40
N ILE B 170 23.72 -10.36 26.24
CA ILE B 170 22.67 -11.26 25.75
C ILE B 170 21.28 -10.76 26.10
N LEU B 171 20.43 -10.67 25.08
CA LEU B 171 19.15 -9.96 25.21
C LEU B 171 17.96 -10.90 25.27
N ALA B 172 17.15 -10.77 26.32
CA ALA B 172 15.90 -11.52 26.41
C ALA B 172 14.82 -10.68 25.76
N VAL B 173 13.80 -11.32 25.19
CA VAL B 173 12.70 -10.58 24.56
C VAL B 173 11.39 -11.17 25.02
N ARG B 174 10.47 -10.34 25.52
CA ARG B 174 9.48 -10.85 26.47
C ARG B 174 8.00 -10.95 26.12
N SER B 175 7.46 -10.09 25.27
CA SER B 175 6.06 -10.27 24.87
C SER B 175 5.09 -9.54 25.78
N PRO B 176 4.28 -8.65 25.18
CA PRO B 176 3.36 -7.77 25.91
C PRO B 176 2.03 -8.40 26.26
N ILE B 177 1.76 -9.62 25.82
CA ILE B 177 0.43 -10.18 26.03
C ILE B 177 0.38 -11.68 26.18
N ASN B 178 -0.78 -12.15 26.64
CA ASN B 178 -1.09 -13.57 26.72
C ASN B 178 -1.75 -14.00 25.44
N GLY B 179 -1.68 -15.29 25.14
CA GLY B 179 -2.22 -15.87 23.93
C GLY B 179 -1.46 -17.14 23.59
N ARG B 180 -1.40 -17.49 22.31
CA ARG B 180 -0.66 -18.66 21.87
C ARG B 180 0.35 -18.27 20.79
N VAL B 181 1.52 -18.87 20.84
CA VAL B 181 2.43 -18.72 19.73
C VAL B 181 1.75 -19.37 18.57
N VAL B 182 1.32 -18.53 17.65
CA VAL B 182 0.58 -18.96 16.49
C VAL B 182 1.53 -19.02 15.28
N ASP B 183 2.77 -18.60 15.47
CA ASP B 183 3.71 -18.52 14.36
C ASP B 183 5.16 -18.66 14.81
N LEU B 184 6.01 -19.28 13.97
CA LEU B 184 7.42 -19.41 14.33
C LEU B 184 8.49 -18.90 13.34
N ASN B 185 8.67 -19.57 12.21
CA ASN B 185 9.77 -19.24 11.28
C ASN B 185 11.12 -18.77 11.90
N ALA B 186 11.58 -19.45 12.95
CA ALA B 186 12.90 -19.19 13.53
C ALA B 186 13.31 -20.32 14.47
N ALA B 187 14.58 -20.69 14.42
CA ALA B 187 15.05 -21.82 15.22
C ALA B 187 16.29 -21.47 16.02
N THR B 188 16.43 -22.11 17.17
CA THR B 188 17.57 -21.88 18.03
C THR B 188 18.87 -22.22 17.26
N GLY B 189 19.77 -21.25 17.20
CA GLY B 189 21.04 -21.46 16.53
C GLY B 189 21.10 -20.76 15.20
N ALA B 190 20.06 -19.98 14.91
CA ALA B 190 19.89 -19.32 13.63
C ALA B 190 20.34 -17.87 13.67
N TYR B 191 21.04 -17.44 12.62
CA TYR B 191 21.48 -16.07 12.51
C TYR B 191 20.32 -15.20 12.12
N TRP B 192 19.92 -14.30 13.01
CA TRP B 192 18.85 -13.37 12.67
C TRP B 192 19.41 -11.97 12.43
N ASN B 193 19.75 -11.67 11.18
CA ASN B 193 20.38 -10.39 10.87
C ASN B 193 19.42 -9.30 10.44
N ASP B 194 18.18 -9.70 10.13
CA ASP B 194 17.11 -8.74 9.79
C ASP B 194 16.27 -8.38 11.01
N THR B 195 16.30 -7.11 11.39
CA THR B 195 15.49 -6.66 12.53
C THR B 195 14.12 -6.20 12.06
N THR B 196 13.86 -6.34 10.75
CA THR B 196 12.54 -6.05 10.20
C THR B 196 11.68 -7.29 10.04
N ALA B 197 12.13 -8.41 10.62
CA ALA B 197 11.49 -9.70 10.46
C ALA B 197 10.97 -10.22 11.79
N SER B 198 9.69 -10.54 11.82
CA SER B 198 9.11 -11.17 13.00
C SER B 198 9.50 -12.65 13.03
N LEU B 199 9.89 -13.15 14.20
CA LEU B 199 10.16 -14.57 14.28
C LEU B 199 9.16 -15.27 15.17
N MET B 200 8.03 -14.62 15.39
CA MET B 200 7.04 -15.21 16.24
C MET B 200 5.78 -14.40 16.12
N THR B 201 4.66 -15.01 16.49
CA THR B 201 3.39 -14.31 16.44
C THR B 201 2.54 -14.80 17.56
N VAL B 202 2.44 -13.99 18.61
CA VAL B 202 1.59 -14.31 19.75
C VAL B 202 0.17 -13.83 19.43
N ALA B 203 -0.83 -14.57 19.90
CA ALA B 203 -2.20 -14.16 19.65
C ALA B 203 -3.15 -14.73 20.70
N ASP B 204 -4.13 -13.92 21.10
CA ASP B 204 -5.16 -14.35 22.06
C ASP B 204 -6.30 -14.88 21.24
N LEU B 205 -6.74 -16.09 21.55
CA LEU B 205 -7.80 -16.74 20.77
C LEU B 205 -9.04 -17.10 21.60
N SER B 206 -9.29 -16.34 22.65
CA SER B 206 -10.44 -16.56 23.51
C SER B 206 -11.65 -16.37 22.65
N HIS B 207 -11.43 -15.74 21.51
CA HIS B 207 -12.40 -15.73 20.44
C HIS B 207 -11.67 -15.49 19.13
N VAL B 208 -12.04 -16.29 18.14
CA VAL B 208 -11.47 -16.18 16.81
C VAL B 208 -12.55 -15.78 15.85
N PHE B 209 -12.14 -15.25 14.70
CA PHE B 209 -13.07 -14.99 13.61
C PHE B 209 -13.20 -16.22 12.73
N VAL B 210 -14.26 -16.29 11.93
CA VAL B 210 -14.33 -17.24 10.81
C VAL B 210 -14.85 -16.45 9.63
N THR B 211 -13.98 -16.15 8.67
CA THR B 211 -14.37 -15.28 7.56
C THR B 211 -14.63 -16.07 6.27
N ALA B 212 -15.90 -16.22 5.95
CA ALA B 212 -16.33 -16.89 4.74
C ALA B 212 -16.12 -15.97 3.54
N ASN B 213 -15.91 -16.55 2.37
CA ASN B 213 -15.51 -15.76 1.23
C ASN B 213 -16.49 -15.84 0.11
N ALA B 214 -16.57 -14.75 -0.66
CA ALA B 214 -17.32 -14.75 -1.89
C ALA B 214 -18.74 -14.36 -1.59
N GLN B 215 -19.54 -14.05 -2.62
CA GLN B 215 -19.21 -14.25 -4.03
C GLN B 215 -20.18 -13.37 -4.79
N GLU B 216 -19.75 -12.75 -5.88
CA GLU B 216 -20.56 -11.69 -6.44
C GLU B 216 -22.04 -12.15 -6.50
N LYS B 217 -22.25 -13.37 -6.98
CA LYS B 217 -23.58 -13.99 -7.05
C LYS B 217 -24.28 -14.08 -5.68
N ASP B 218 -23.49 -14.32 -4.65
CA ASP B 218 -24.03 -14.54 -3.32
C ASP B 218 -24.26 -13.27 -2.51
N LEU B 219 -23.97 -12.11 -3.09
CA LEU B 219 -24.06 -10.86 -2.33
C LEU B 219 -25.47 -10.51 -1.87
N GLY B 220 -26.46 -10.88 -2.67
CA GLY B 220 -27.83 -10.58 -2.35
C GLY B 220 -28.44 -11.64 -1.47
N HIS B 221 -27.59 -12.57 -1.01
CA HIS B 221 -28.05 -13.65 -0.14
C HIS B 221 -27.23 -13.77 1.14
N VAL B 222 -26.52 -12.70 1.46
CA VAL B 222 -25.76 -12.58 2.70
C VAL B 222 -25.92 -11.21 3.38
N TYR B 223 -26.02 -11.22 4.70
CA TYR B 223 -26.30 -10.00 5.43
C TYR B 223 -25.88 -10.13 6.89
N VAL B 224 -25.44 -9.03 7.47
CA VAL B 224 -25.32 -8.97 8.91
C VAL B 224 -26.72 -8.76 9.47
N GLY B 225 -27.13 -9.64 10.37
CA GLY B 225 -26.38 -10.82 10.74
C GLY B 225 -27.32 -12.01 10.69
N GLN B 226 -27.04 -12.95 9.78
CA GLN B 226 -27.88 -14.12 9.60
C GLN B 226 -27.32 -15.32 10.34
N SER B 227 -28.19 -16.27 10.64
CA SER B 227 -27.76 -17.48 11.31
C SER B 227 -26.89 -18.25 10.34
N ALA B 228 -25.95 -19.02 10.87
CA ALA B 228 -25.08 -19.84 10.05
C ALA B 228 -24.66 -21.05 10.84
N THR B 229 -24.39 -22.15 10.14
CA THR B 229 -23.72 -23.26 10.80
C THR B 229 -22.33 -23.41 10.20
N VAL B 230 -21.39 -23.83 11.03
CA VAL B 230 -20.01 -23.97 10.58
C VAL B 230 -19.51 -25.26 11.16
N LYS B 231 -18.85 -26.07 10.33
CA LYS B 231 -18.29 -27.34 10.81
C LYS B 231 -16.77 -27.30 10.71
N PHE B 232 -16.09 -27.81 11.75
CA PHE B 232 -14.62 -27.88 11.74
C PHE B 232 -14.12 -29.33 11.76
N ASP B 233 -12.88 -29.56 11.32
CA ASP B 233 -12.38 -30.92 11.14
C ASP B 233 -11.01 -31.20 11.76
N ALA B 234 -11.01 -31.75 12.97
CA ALA B 234 -12.25 -32.14 13.61
C ALA B 234 -12.72 -31.17 14.72
N TYR B 235 -13.77 -31.61 15.41
CA TYR B 235 -14.69 -30.76 16.17
C TYR B 235 -16.04 -30.95 15.49
N ASP B 236 -16.18 -32.12 14.88
CA ASP B 236 -17.36 -32.54 14.11
C ASP B 236 -18.71 -32.14 14.70
N ASP B 237 -19.75 -32.26 13.87
CA ASP B 237 -21.07 -31.68 14.11
C ASP B 237 -21.11 -30.14 14.23
N PRO B 238 -21.97 -29.50 13.43
CA PRO B 238 -22.08 -28.07 13.13
C PRO B 238 -22.14 -27.15 14.36
N GLN B 239 -21.22 -26.21 14.43
CA GLN B 239 -21.36 -25.11 15.35
C GLN B 239 -22.11 -23.98 14.67
N PRO B 240 -23.23 -23.54 15.28
CA PRO B 240 -23.97 -22.34 14.88
C PRO B 240 -23.21 -21.05 15.22
N GLY B 241 -23.60 -19.95 14.58
CA GLY B 241 -22.99 -18.65 14.80
C GLY B 241 -23.73 -17.62 13.96
N LYS B 242 -23.32 -16.36 14.04
CA LYS B 242 -24.03 -15.25 13.38
C LYS B 242 -23.05 -14.30 12.72
N VAL B 243 -23.39 -13.83 11.52
CA VAL B 243 -22.50 -12.95 10.76
C VAL B 243 -22.56 -11.50 11.25
N ARG B 244 -21.46 -11.07 11.87
CA ARG B 244 -21.40 -9.79 12.53
C ARG B 244 -20.98 -8.66 11.59
N TYR B 245 -20.30 -9.00 10.50
CA TYR B 245 -19.82 -8.00 9.54
C TYR B 245 -19.85 -8.58 8.15
N VAL B 246 -20.03 -7.73 7.16
CA VAL B 246 -20.09 -8.21 5.79
C VAL B 246 -18.82 -7.94 4.94
N GLY B 247 -18.47 -6.67 4.74
CA GLY B 247 -17.56 -6.35 3.65
C GLY B 247 -18.21 -5.32 2.74
N GLN B 248 -17.43 -4.32 2.34
CA GLN B 248 -17.99 -3.16 1.67
C GLN B 248 -17.42 -3.01 0.30
N ILE B 249 -16.38 -3.79 0.06
CA ILE B 249 -15.69 -3.89 -1.23
C ILE B 249 -15.33 -5.34 -1.48
N LEU B 250 -15.34 -5.71 -2.75
CA LEU B 250 -14.81 -6.97 -3.21
C LEU B 250 -13.33 -6.94 -2.96
N ASP B 251 -12.71 -8.10 -2.95
CA ASP B 251 -11.30 -8.18 -2.72
C ASP B 251 -10.69 -8.29 -4.11
N ALA B 252 -10.14 -7.18 -4.62
CA ALA B 252 -9.73 -7.03 -6.03
C ALA B 252 -9.01 -8.23 -6.64
N ASP B 253 -8.45 -9.06 -5.77
CA ASP B 253 -7.77 -10.27 -6.18
C ASP B 253 -8.77 -11.39 -6.47
N THR B 254 -9.30 -11.99 -5.40
CA THR B 254 -10.26 -13.09 -5.47
C THR B 254 -11.60 -12.66 -6.04
N ARG B 255 -11.91 -11.38 -5.86
CA ARG B 255 -13.22 -10.81 -6.18
C ARG B 255 -14.33 -11.26 -5.22
N THR B 256 -13.92 -11.84 -4.08
CA THR B 256 -14.87 -12.32 -3.09
C THR B 256 -14.99 -11.23 -2.07
N THR B 257 -16.02 -11.32 -1.25
CA THR B 257 -16.27 -10.31 -0.25
C THR B 257 -16.39 -11.01 1.09
N LYS B 258 -15.77 -10.45 2.12
CA LYS B 258 -15.78 -11.11 3.42
C LYS B 258 -17.21 -11.30 3.95
N VAL B 259 -17.29 -12.00 5.08
CA VAL B 259 -18.53 -12.36 5.74
C VAL B 259 -18.09 -12.89 7.11
N ARG B 260 -17.86 -11.97 8.05
CA ARG B 260 -17.28 -12.33 9.34
C ARG B 260 -18.28 -12.83 10.36
N MET B 261 -17.86 -13.87 11.08
CA MET B 261 -18.60 -14.34 12.23
C MET B 261 -17.62 -14.50 13.38
N VAL B 262 -18.05 -14.16 14.59
CA VAL B 262 -17.19 -14.31 15.75
C VAL B 262 -17.60 -15.52 16.58
N PHE B 263 -16.62 -16.20 17.15
CA PHE B 263 -16.88 -17.45 17.87
C PHE B 263 -16.04 -17.51 19.16
N ASP B 264 -16.67 -17.73 20.31
CA ASP B 264 -15.92 -18.05 21.52
C ASP B 264 -15.24 -19.35 21.20
N ASN B 265 -14.32 -19.75 22.06
CA ASN B 265 -14.01 -21.17 22.18
C ASN B 265 -13.58 -21.58 23.59
N PRO B 266 -13.22 -20.60 24.43
CA PRO B 266 -12.61 -20.91 25.73
C PRO B 266 -12.38 -22.41 25.96
N ASP B 267 -11.47 -22.98 25.17
CA ASP B 267 -11.08 -24.38 25.27
C ASP B 267 -9.85 -24.57 24.39
N GLY B 268 -9.79 -23.80 23.30
CA GLY B 268 -8.58 -23.70 22.50
C GLY B 268 -8.60 -24.37 21.12
N ARG B 269 -9.57 -25.25 20.90
CA ARG B 269 -9.52 -26.13 19.75
C ARG B 269 -9.50 -25.46 18.38
N LEU B 270 -9.90 -24.20 18.31
CA LEU B 270 -9.89 -23.52 17.02
C LEU B 270 -8.53 -22.89 16.73
N ARG B 271 -8.08 -23.02 15.49
CA ARG B 271 -6.75 -22.53 15.17
C ARG B 271 -6.71 -21.74 13.87
N PRO B 272 -6.02 -20.60 13.92
CA PRO B 272 -5.87 -19.68 12.79
C PRO B 272 -5.43 -20.38 11.50
N GLY B 273 -6.17 -20.11 10.44
CA GLY B 273 -5.81 -20.59 9.12
C GLY B 273 -6.35 -21.97 8.86
N MET B 274 -7.02 -22.54 9.86
CA MET B 274 -7.68 -23.82 9.62
C MET B 274 -8.91 -23.55 8.82
N PHE B 275 -9.16 -24.44 7.86
CA PHE B 275 -10.32 -24.37 7.00
C PHE B 275 -11.58 -24.76 7.76
N ALA B 276 -12.73 -24.43 7.16
CA ALA B 276 -14.03 -24.67 7.76
C ALA B 276 -15.12 -24.27 6.77
N GLN B 277 -16.11 -25.15 6.59
CA GLN B 277 -17.23 -24.88 5.70
C GLN B 277 -18.37 -24.16 6.45
N ALA B 278 -18.84 -23.05 5.90
CA ALA B 278 -19.99 -22.33 6.45
C ALA B 278 -21.26 -22.57 5.65
N THR B 279 -22.34 -22.84 6.36
CA THR B 279 -23.64 -22.97 5.73
C THR B 279 -24.53 -21.75 5.97
N PHE B 280 -25.25 -21.34 4.94
CA PHE B 280 -26.15 -20.21 5.03
C PHE B 280 -27.42 -20.54 4.25
N LEU B 281 -28.56 -19.94 4.63
CA LEU B 281 -29.82 -20.20 3.93
C LEU B 281 -30.37 -18.98 3.19
N SER B 282 -31.44 -19.22 2.42
CA SER B 282 -32.18 -18.15 1.74
C SER B 282 -31.38 -17.62 0.53
N GLN B 283 -31.75 -16.48 -0.04
CA GLN B 283 -32.93 -15.68 0.30
C GLN B 283 -34.12 -15.93 -0.64
ZN ZN C . -24.74 8.76 -34.01
#